data_6YNL
#
_entry.id   6YNL
#
_cell.length_a   39.480
_cell.length_b   102.970
_cell.length_c   42.110
_cell.angle_alpha   90.000
_cell.angle_beta   105.462
_cell.angle_gamma   90.000
#
_symmetry.space_group_name_H-M   'P 1 21 1'
#
loop_
_entity.id
_entity.type
_entity.pdbx_description
1 polymer YTHDC1
2 non-polymer 'SULFATE ION'
3 non-polymer 3-[(2~{R})-5,5-dimethyl-2-phenyl-morpholin-4-yl]-~{N}-(methylcarbamoyl)propanamide
4 water water
#
_entity_poly.entity_id   1
_entity_poly.type   'polypeptide(L)'
_entity_poly.pdbx_seq_one_letter_code
;MHHHHHHSSGRENLYFQGTSKLKYVLQDARFFLIKSNNHENVSLAKAKGVWSTLPVNEKKLNLAFRSARSVILIFSVRES
GKFQGFARLSSESHHGGSPIHWVLPAGMSAKMLGGVFKIDWICRRELPFTKSAHLTNPWNEHKPVKIGRDGQEIELECGT
QLCLLFPPDESIDLYQVIHKMRH
;
_entity_poly.pdbx_strand_id   A,B
#
loop_
_chem_comp.id
_chem_comp.type
_chem_comp.name
_chem_comp.formula
P0Z non-polymer 3-[(2~{R})-5,5-dimethyl-2-phenyl-morpholin-4-yl]-~{N}-(methylcarbamoyl)propanamide 'C17 H25 N3 O3'
SO4 non-polymer 'SULFATE ION' 'O4 S -2'
#
# COMPACT_ATOMS: atom_id res chain seq x y z
CA GLY A 18 4.43 15.67 20.16
C GLY A 18 3.59 15.55 18.90
N THR A 19 2.82 14.47 18.81
CA THR A 19 1.97 14.20 17.66
C THR A 19 0.49 14.39 17.93
N SER A 20 0.12 14.86 19.13
CA SER A 20 -1.29 14.87 19.50
C SER A 20 -2.05 15.95 18.73
N LYS A 21 -1.49 17.17 18.66
CA LYS A 21 -2.16 18.22 17.90
C LYS A 21 -2.25 17.84 16.43
N LEU A 22 -1.22 17.19 15.91
CA LEU A 22 -1.24 16.72 14.53
C LEU A 22 -2.39 15.75 14.30
N LYS A 23 -2.53 14.75 15.19
CA LYS A 23 -3.65 13.82 15.08
C LYS A 23 -4.99 14.55 15.15
N TYR A 24 -5.07 15.59 15.96
CA TYR A 24 -6.33 16.35 16.05
C TYR A 24 -6.64 17.03 14.73
N VAL A 25 -5.64 17.63 14.10
CA VAL A 25 -5.85 18.31 12.82
C VAL A 25 -6.28 17.31 11.75
N LEU A 26 -5.77 16.08 11.81
CA LEU A 26 -6.02 15.05 10.81
C LEU A 26 -7.31 14.28 11.05
N GLN A 27 -7.94 14.44 12.21
CA GLN A 27 -9.15 13.69 12.50
C GLN A 27 -10.22 13.99 11.48
N ASP A 28 -10.72 12.94 10.81
CA ASP A 28 -11.79 13.07 9.83
C ASP A 28 -11.43 14.03 8.70
N ALA A 29 -10.15 14.18 8.40
CA ALA A 29 -9.72 15.01 7.28
C ALA A 29 -9.88 14.25 5.98
N ARG A 30 -9.81 15.00 4.88
CA ARG A 30 -9.62 14.43 3.56
C ARG A 30 -8.21 14.76 3.08
N PHE A 31 -7.68 13.88 2.24
CA PHE A 31 -6.29 13.93 1.80
C PHE A 31 -6.24 13.86 0.30
N PHE A 32 -5.39 14.67 -0.31
CA PHE A 32 -5.20 14.65 -1.76
C PHE A 32 -3.72 14.66 -2.11
N LEU A 33 -3.35 13.78 -3.05
CA LEU A 33 -1.99 13.73 -3.58
C LEU A 33 -1.82 14.85 -4.59
N ILE A 34 -0.77 15.65 -4.41
CA ILE A 34 -0.44 16.74 -5.31
C ILE A 34 0.90 16.41 -5.94
N LYS A 35 0.94 16.32 -7.26
CA LYS A 35 2.16 15.97 -7.98
C LYS A 35 2.63 17.20 -8.74
N SER A 36 3.81 17.71 -8.38
CA SER A 36 4.40 18.85 -9.07
C SER A 36 5.52 18.35 -9.96
N ASN A 37 5.66 18.95 -11.13
CA ASN A 37 6.71 18.52 -12.04
C ASN A 37 8.05 19.17 -11.76
N ASN A 38 8.13 20.12 -10.83
CA ASN A 38 9.42 20.71 -10.49
C ASN A 38 9.44 21.16 -9.03
N HIS A 39 10.66 21.26 -8.49
CA HIS A 39 10.83 21.70 -7.12
C HIS A 39 10.50 23.18 -6.94
N GLU A 40 10.65 23.99 -7.99
CA GLU A 40 10.44 25.42 -7.85
C GLU A 40 9.02 25.73 -7.40
N ASN A 41 8.05 24.97 -7.90
CA ASN A 41 6.65 25.25 -7.54
C ASN A 41 6.36 24.90 -6.09
N VAL A 42 6.93 23.79 -5.61
CA VAL A 42 6.73 23.43 -4.20
C VAL A 42 7.45 24.44 -3.31
N SER A 43 8.62 24.92 -3.73
CA SER A 43 9.31 25.94 -2.96
C SER A 43 8.50 27.24 -2.89
N LEU A 44 7.91 27.66 -4.01
CA LEU A 44 7.04 28.82 -4.01
C LEU A 44 5.85 28.61 -3.07
N ALA A 45 5.25 27.42 -3.11
CA ALA A 45 4.11 27.13 -2.26
C ALA A 45 4.50 27.16 -0.79
N LYS A 46 5.70 26.67 -0.46
CA LYS A 46 6.18 26.69 0.92
C LYS A 46 6.45 28.10 1.39
N ALA A 47 6.92 28.97 0.48
CA ALA A 47 7.28 30.33 0.87
C ALA A 47 6.06 31.24 0.96
N LYS A 48 5.09 31.07 0.05
CA LYS A 48 3.96 31.98 -0.07
C LYS A 48 2.66 31.43 0.51
N GLY A 49 2.62 30.15 0.86
CA GLY A 49 1.40 29.57 1.42
C GLY A 49 0.25 29.51 0.45
N VAL A 50 0.50 29.12 -0.80
CA VAL A 50 -0.50 29.12 -1.85
C VAL A 50 -0.30 27.88 -2.72
N TRP A 51 -1.39 27.45 -3.35
CA TRP A 51 -1.31 26.43 -4.38
C TRP A 51 -2.34 26.73 -5.45
N SER A 52 -2.06 26.29 -6.67
CA SER A 52 -3.00 26.38 -7.77
C SER A 52 -2.93 25.10 -8.57
N THR A 53 -4.07 24.65 -9.07
CA THR A 53 -4.16 23.39 -9.79
C THR A 53 -5.10 23.57 -10.98
N LEU A 54 -5.16 22.55 -11.82
CA LEU A 54 -6.00 22.60 -12.99
C LEU A 54 -7.48 22.58 -12.57
N PRO A 55 -8.37 23.14 -13.38
CA PRO A 55 -9.77 23.27 -12.96
C PRO A 55 -10.43 21.97 -12.52
N VAL A 56 -10.10 20.83 -13.15
CA VAL A 56 -10.70 19.57 -12.73
C VAL A 56 -10.41 19.29 -11.25
N ASN A 57 -9.17 19.54 -10.82
CA ASN A 57 -8.83 19.34 -9.43
C ASN A 57 -9.31 20.49 -8.55
N GLU A 58 -9.34 21.71 -9.10
CA GLU A 58 -9.83 22.86 -8.35
C GLU A 58 -11.25 22.60 -7.89
N LYS A 59 -12.10 22.07 -8.78
CA LYS A 59 -13.48 21.78 -8.41
C LYS A 59 -13.55 20.73 -7.31
N LYS A 60 -12.71 19.69 -7.38
CA LYS A 60 -12.74 18.67 -6.33
C LYS A 60 -12.29 19.22 -4.99
N LEU A 61 -11.22 20.03 -4.99
CA LEU A 61 -10.73 20.58 -3.73
C LEU A 61 -11.72 21.55 -3.10
N ASN A 62 -12.40 22.36 -3.91
CA ASN A 62 -13.40 23.27 -3.38
C ASN A 62 -14.57 22.51 -2.76
N LEU A 63 -15.03 21.44 -3.42
CA LEU A 63 -16.07 20.61 -2.82
C LEU A 63 -15.59 20.01 -1.51
N ALA A 64 -14.37 19.50 -1.49
CA ALA A 64 -13.82 18.90 -0.28
C ALA A 64 -13.68 19.92 0.84
N PHE A 65 -13.26 21.14 0.50
CA PHE A 65 -13.04 22.17 1.53
C PHE A 65 -14.33 22.48 2.28
N ARG A 66 -15.47 22.45 1.58
CA ARG A 66 -16.74 22.70 2.22
C ARG A 66 -17.25 21.49 2.99
N SER A 67 -16.67 20.31 2.76
CA SER A 67 -17.22 19.06 3.25
C SER A 67 -16.52 18.52 4.48
N ALA A 68 -15.33 19.01 4.82
CA ALA A 68 -14.52 18.34 5.84
C ALA A 68 -13.85 19.37 6.73
N ARG A 69 -13.55 18.95 7.96
CA ARG A 69 -12.90 19.84 8.91
C ARG A 69 -11.52 20.27 8.42
N SER A 70 -10.80 19.39 7.72
CA SER A 70 -9.46 19.67 7.23
C SER A 70 -9.32 18.98 5.89
N VAL A 71 -8.79 19.69 4.88
CA VAL A 71 -8.40 19.08 3.61
C VAL A 71 -6.89 19.22 3.52
N ILE A 72 -6.22 18.08 3.38
CA ILE A 72 -4.75 18.01 3.44
C ILE A 72 -4.22 17.72 2.04
N LEU A 73 -3.28 18.54 1.59
CA LEU A 73 -2.56 18.29 0.34
C LEU A 73 -1.19 17.72 0.68
N ILE A 74 -0.86 16.57 0.09
CA ILE A 74 0.44 15.93 0.29
C ILE A 74 1.21 16.04 -1.02
N PHE A 75 2.38 16.69 -0.96
CA PHE A 75 3.07 17.11 -2.17
C PHE A 75 4.18 16.13 -2.54
N SER A 76 4.28 15.82 -3.82
CA SER A 76 5.43 15.07 -4.33
C SER A 76 5.90 15.65 -5.65
N VAL A 77 7.20 15.95 -5.73
CA VAL A 77 7.81 16.41 -6.98
C VAL A 77 8.14 15.20 -7.85
N ARG A 78 7.68 15.23 -9.11
CA ARG A 78 7.90 14.11 -10.02
C ARG A 78 9.38 13.81 -10.14
N GLU A 79 9.71 12.52 -10.16
CA GLU A 79 11.06 11.97 -10.29
C GLU A 79 11.90 12.13 -9.03
N SER A 80 11.41 12.80 -8.00
CA SER A 80 12.21 13.03 -6.80
C SER A 80 12.29 11.81 -5.90
N GLY A 81 11.37 10.86 -6.03
CA GLY A 81 11.32 9.74 -5.13
C GLY A 81 10.88 10.06 -3.72
N LYS A 82 10.32 11.24 -3.49
CA LYS A 82 9.97 11.66 -2.15
C LYS A 82 8.68 12.47 -2.18
N PHE A 83 8.07 12.57 -1.01
CA PHE A 83 7.14 13.65 -0.71
C PHE A 83 7.92 14.81 -0.11
N GLN A 84 7.46 16.02 -0.36
CA GLN A 84 8.13 17.22 0.15
C GLN A 84 7.42 17.88 1.32
N GLY A 85 6.32 17.32 1.79
CA GLY A 85 5.63 17.81 2.96
C GLY A 85 4.14 17.78 2.72
N PHE A 86 3.39 18.40 3.65
CA PHE A 86 1.95 18.47 3.51
C PHE A 86 1.40 19.73 4.17
N ALA A 87 0.22 20.15 3.68
CA ALA A 87 -0.37 21.41 4.09
C ALA A 87 -1.88 21.25 4.13
N ARG A 88 -2.53 22.16 4.83
CA ARG A 88 -3.99 22.17 4.99
C ARG A 88 -4.58 23.35 4.25
N LEU A 89 -5.63 23.09 3.45
CA LEU A 89 -6.36 24.19 2.82
C LEU A 89 -6.92 25.12 3.89
N SER A 90 -6.67 26.42 3.73
CA SER A 90 -7.29 27.41 4.58
C SER A 90 -8.36 28.24 3.86
N SER A 91 -8.52 28.05 2.56
CA SER A 91 -9.54 28.74 1.79
C SER A 91 -9.96 27.89 0.61
N GLU A 92 -11.11 28.22 0.03
CA GLU A 92 -11.41 27.77 -1.32
C GLU A 92 -10.55 28.56 -2.30
N SER A 93 -10.59 28.17 -3.58
CA SER A 93 -9.82 28.90 -4.58
C SER A 93 -10.44 30.28 -4.82
N HIS A 94 -9.57 31.23 -5.13
CA HIS A 94 -9.99 32.58 -5.48
C HIS A 94 -9.12 33.10 -6.62
N HIS A 95 -9.69 34.00 -7.41
CA HIS A 95 -9.03 34.61 -8.54
C HIS A 95 -8.67 36.05 -8.22
N GLY A 96 -7.93 36.67 -9.12
CA GLY A 96 -7.34 37.97 -8.83
C GLY A 96 -6.06 37.76 -8.07
N GLY A 97 -5.92 38.46 -6.94
CA GLY A 97 -4.79 38.24 -6.05
C GLY A 97 -3.43 38.50 -6.65
N SER A 98 -2.39 38.44 -5.81
CA SER A 98 -1.03 38.65 -6.30
C SER A 98 -0.65 37.51 -7.23
N PRO A 99 -0.18 37.80 -8.45
CA PRO A 99 0.19 36.72 -9.37
C PRO A 99 1.31 35.87 -8.80
N ILE A 100 1.37 34.62 -9.25
CA ILE A 100 2.36 33.66 -8.80
C ILE A 100 3.14 33.18 -10.01
N HIS A 101 4.45 33.32 -9.97
CA HIS A 101 5.30 32.97 -11.12
C HIS A 101 5.68 31.49 -11.07
N TRP A 102 4.66 30.65 -11.15
CA TRP A 102 4.87 29.21 -11.28
C TRP A 102 5.74 28.91 -12.50
N VAL A 103 6.46 27.80 -12.43
CA VAL A 103 7.14 27.24 -13.59
C VAL A 103 6.18 26.26 -14.23
N LEU A 104 5.48 26.70 -15.27
CA LEU A 104 4.46 25.93 -15.96
C LEU A 104 5.10 25.03 -17.01
N PRO A 105 4.52 23.86 -17.28
CA PRO A 105 5.03 22.92 -18.28
C PRO A 105 5.00 23.52 -19.69
N SER A 109 0.13 27.69 -20.19
CA SER A 109 -0.17 29.10 -19.91
C SER A 109 -0.78 29.25 -18.53
N ALA A 110 -0.60 30.44 -17.93
CA ALA A 110 -1.17 30.71 -16.62
C ALA A 110 -2.69 30.83 -16.65
N LYS A 111 -3.26 31.17 -17.80
CA LYS A 111 -4.71 31.23 -17.94
C LYS A 111 -5.35 29.86 -17.85
N MET A 112 -4.60 28.79 -18.13
CA MET A 112 -5.15 27.44 -18.04
C MET A 112 -5.35 26.99 -16.59
N LEU A 113 -4.72 27.68 -15.64
CA LEU A 113 -4.87 27.28 -14.25
C LEU A 113 -6.17 27.82 -13.68
N GLY A 114 -6.61 27.20 -12.59
CA GLY A 114 -7.74 27.70 -11.83
C GLY A 114 -7.31 28.78 -10.86
N GLY A 115 -8.12 28.95 -9.83
CA GLY A 115 -7.84 29.93 -8.81
C GLY A 115 -6.68 29.54 -7.91
N VAL A 116 -6.48 30.35 -6.88
CA VAL A 116 -5.40 30.17 -5.92
C VAL A 116 -6.03 29.76 -4.59
N PHE A 117 -5.53 28.67 -4.02
CA PHE A 117 -5.89 28.24 -2.68
C PHE A 117 -4.85 28.75 -1.70
N LYS A 118 -5.30 29.30 -0.57
CA LYS A 118 -4.39 29.53 0.53
C LYS A 118 -4.23 28.25 1.32
N ILE A 119 -3.01 27.96 1.76
CA ILE A 119 -2.68 26.76 2.51
C ILE A 119 -1.80 27.12 3.70
N ASP A 120 -1.92 26.32 4.76
CA ASP A 120 -1.06 26.40 5.93
C ASP A 120 -0.24 25.12 5.98
N TRP A 121 1.07 25.27 5.98
CA TRP A 121 1.93 24.10 6.03
C TRP A 121 1.85 23.44 7.40
N ILE A 122 1.77 22.11 7.39
CA ILE A 122 1.83 21.31 8.59
C ILE A 122 3.20 20.65 8.73
N CYS A 123 3.85 20.29 7.62
CA CYS A 123 5.18 19.69 7.63
C CYS A 123 5.86 20.13 6.36
N ARG A 124 7.02 20.77 6.48
CA ARG A 124 7.83 21.10 5.31
C ARG A 124 8.99 20.13 5.10
N ARG A 125 9.05 19.05 5.88
CA ARG A 125 10.10 18.04 5.77
C ARG A 125 9.74 17.00 4.71
N GLU A 126 10.77 16.37 4.17
CA GLU A 126 10.60 15.36 3.14
C GLU A 126 10.41 13.98 3.75
N LEU A 127 9.78 13.10 2.97
CA LEU A 127 9.65 11.68 3.29
C LEU A 127 9.93 10.86 2.05
N PRO A 128 10.93 9.99 2.06
CA PRO A 128 11.20 9.17 0.88
C PRO A 128 10.14 8.11 0.70
N PHE A 129 9.86 7.78 -0.56
CA PHE A 129 8.86 6.75 -0.88
C PHE A 129 9.19 5.42 -0.22
N THR A 130 10.48 5.11 -0.05
CA THR A 130 10.86 3.86 0.60
C THR A 130 10.22 3.70 1.97
N LYS A 131 9.90 4.81 2.65
CA LYS A 131 9.29 4.75 3.97
C LYS A 131 7.78 4.55 3.93
N SER A 132 7.13 4.75 2.79
CA SER A 132 5.69 4.59 2.71
C SER A 132 5.27 3.36 1.91
N ALA A 133 6.20 2.45 1.64
CA ALA A 133 5.92 1.29 0.79
C ALA A 133 4.88 0.35 1.39
N HIS A 134 4.60 0.45 2.68
CA HIS A 134 3.59 -0.38 3.33
C HIS A 134 2.20 0.23 3.32
N LEU A 135 2.02 1.39 2.69
CA LEU A 135 0.73 2.08 2.67
C LEU A 135 0.15 2.00 1.26
N THR A 136 -1.04 1.43 1.14
CA THR A 136 -1.77 1.34 -0.11
C THR A 136 -3.01 2.21 -0.03
N ASN A 137 -3.41 2.78 -1.18
CA ASN A 137 -4.54 3.68 -1.25
C ASN A 137 -5.73 2.96 -1.86
N PRO A 138 -6.76 2.65 -1.07
CA PRO A 138 -7.94 1.96 -1.62
C PRO A 138 -8.59 2.71 -2.76
N TRP A 139 -8.50 4.04 -2.78
CA TRP A 139 -9.13 4.81 -3.84
C TRP A 139 -8.31 4.86 -5.12
N ASN A 140 -7.13 4.23 -5.13
CA ASN A 140 -6.35 4.04 -6.35
C ASN A 140 -5.95 2.57 -6.47
N GLU A 141 -6.94 1.69 -6.43
CA GLU A 141 -6.73 0.25 -6.68
C GLU A 141 -5.75 -0.39 -5.71
N HIS A 142 -5.62 0.18 -4.52
CA HIS A 142 -4.68 -0.30 -3.51
C HIS A 142 -3.24 -0.29 -3.99
N LYS A 143 -2.93 0.57 -4.95
CA LYS A 143 -1.56 0.79 -5.32
C LYS A 143 -0.84 1.57 -4.22
N PRO A 144 0.48 1.43 -4.11
CA PRO A 144 1.22 2.21 -3.11
C PRO A 144 0.84 3.67 -3.19
N VAL A 145 0.75 4.31 -2.02
CA VAL A 145 0.21 5.67 -1.95
C VAL A 145 1.03 6.66 -2.76
N LYS A 146 2.33 6.40 -2.95
CA LYS A 146 3.14 7.22 -3.84
C LYS A 146 2.62 7.26 -5.27
N ILE A 147 1.86 6.25 -5.70
CA ILE A 147 1.40 6.21 -7.08
C ILE A 147 0.04 6.88 -7.19
N GLY A 148 -0.10 7.79 -8.15
CA GLY A 148 -1.35 8.47 -8.36
C GLY A 148 -1.19 9.71 -9.20
N ARG A 149 -2.23 10.04 -9.97
CA ARG A 149 -2.25 11.29 -10.71
C ARG A 149 -2.38 12.46 -9.73
N ASP A 150 -1.97 13.64 -10.20
CA ASP A 150 -2.19 14.88 -9.46
C ASP A 150 -3.66 15.02 -9.15
N GLY A 151 -3.98 15.22 -7.87
CA GLY A 151 -5.35 15.33 -7.44
C GLY A 151 -5.99 14.06 -6.95
N GLN A 152 -5.28 12.93 -7.00
CA GLN A 152 -5.85 11.67 -6.53
C GLN A 152 -6.19 11.75 -5.04
N GLU A 153 -7.45 11.43 -4.70
CA GLU A 153 -7.79 11.39 -3.28
C GLU A 153 -7.18 10.16 -2.60
N ILE A 154 -6.70 10.37 -1.39
CA ILE A 154 -6.15 9.30 -0.55
C ILE A 154 -7.14 8.99 0.56
N GLU A 155 -7.55 7.72 0.66
CA GLU A 155 -8.47 7.28 1.70
C GLU A 155 -7.98 7.69 3.10
N LEU A 156 -8.92 7.88 4.01
CA LEU A 156 -8.65 8.50 5.31
C LEU A 156 -7.53 7.80 6.08
N GLU A 157 -7.63 6.48 6.24
CA GLU A 157 -6.65 5.77 7.05
C GLU A 157 -5.26 5.82 6.42
N CYS A 158 -5.18 5.57 5.11
CA CYS A 158 -3.91 5.65 4.40
C CYS A 158 -3.32 7.05 4.51
N GLY A 159 -4.15 8.07 4.31
CA GLY A 159 -3.67 9.45 4.38
C GLY A 159 -3.19 9.82 5.75
N THR A 160 -3.89 9.37 6.79
CA THR A 160 -3.49 9.66 8.16
C THR A 160 -2.15 9.01 8.49
N GLN A 161 -2.00 7.72 8.15
CA GLN A 161 -0.74 7.04 8.43
C GLN A 161 0.41 7.65 7.63
N LEU A 162 0.14 8.11 6.41
CA LEU A 162 1.19 8.72 5.61
C LEU A 162 1.68 10.00 6.25
N CYS A 163 0.75 10.86 6.66
CA CYS A 163 1.16 12.09 7.34
C CYS A 163 1.94 11.81 8.62
N LEU A 164 1.55 10.78 9.37
CA LEU A 164 2.23 10.45 10.61
C LEU A 164 3.65 9.92 10.38
N LEU A 165 3.97 9.49 9.15
CA LEU A 165 5.31 8.99 8.85
C LEU A 165 6.32 10.11 8.68
N PHE A 166 5.89 11.32 8.33
CA PHE A 166 6.82 12.39 8.08
C PHE A 166 7.60 12.70 9.37
N PRO A 167 8.85 13.12 9.24
CA PRO A 167 9.58 13.62 10.41
C PRO A 167 8.82 14.80 10.99
N PRO A 168 8.79 14.94 12.32
CA PRO A 168 8.13 16.11 12.91
C PRO A 168 8.81 17.40 12.46
N ASP A 169 7.99 18.41 12.17
CA ASP A 169 8.49 19.72 11.77
C ASP A 169 8.34 20.65 12.98
N GLU A 170 9.42 20.79 13.75
CA GLU A 170 9.36 21.57 14.98
C GLU A 170 9.31 23.06 14.73
N SER A 171 9.39 23.51 13.48
CA SER A 171 9.22 24.92 13.18
C SER A 171 7.76 25.35 13.15
N ILE A 172 6.82 24.40 13.11
CA ILE A 172 5.41 24.71 12.90
C ILE A 172 4.66 24.55 14.22
N ASP A 173 3.78 25.49 14.50
CA ASP A 173 2.92 25.46 15.69
C ASP A 173 1.49 25.26 15.20
N LEU A 174 0.91 24.09 15.49
CA LEU A 174 -0.43 23.78 14.99
C LEU A 174 -1.53 24.48 15.79
N TYR A 175 -1.18 25.28 16.79
CA TYR A 175 -2.18 26.01 17.56
C TYR A 175 -3.05 26.88 16.65
N GLN A 176 -2.44 27.67 15.76
CA GLN A 176 -3.21 28.57 14.91
C GLN A 176 -4.00 27.82 13.84
N VAL A 177 -3.48 26.70 13.36
CA VAL A 177 -4.22 25.87 12.42
C VAL A 177 -5.48 25.32 13.08
N ILE A 178 -5.35 24.87 14.33
CA ILE A 178 -6.49 24.29 15.04
C ILE A 178 -7.64 25.30 15.14
N HIS A 179 -7.32 26.57 15.37
CA HIS A 179 -8.36 27.59 15.49
C HIS A 179 -9.09 27.85 14.19
N LYS A 180 -8.53 27.47 13.05
CA LYS A 180 -9.20 27.65 11.77
C LYS A 180 -10.21 26.55 11.46
N MET A 181 -10.15 25.44 12.18
CA MET A 181 -11.08 24.34 11.97
C MET A 181 -12.48 24.69 12.50
N GLY B 18 23.07 -15.58 -1.50
CA GLY B 18 23.07 -17.03 -1.35
C GLY B 18 21.71 -17.56 -0.92
N THR B 19 21.54 -18.88 -0.99
CA THR B 19 20.25 -19.51 -0.73
C THR B 19 20.21 -20.26 0.60
N SER B 20 21.27 -20.17 1.42
CA SER B 20 21.32 -20.92 2.67
C SER B 20 20.18 -20.53 3.60
N LYS B 21 19.91 -19.23 3.72
CA LYS B 21 18.85 -18.77 4.61
C LYS B 21 17.49 -19.28 4.14
N LEU B 22 17.21 -19.10 2.84
CA LEU B 22 15.91 -19.53 2.34
C LEU B 22 15.76 -21.04 2.46
N LYS B 23 16.82 -21.79 2.17
CA LYS B 23 16.71 -23.24 2.29
C LYS B 23 16.46 -23.65 3.73
N TYR B 24 17.02 -22.91 4.69
CA TYR B 24 16.74 -23.18 6.09
C TYR B 24 15.28 -22.93 6.41
N VAL B 25 14.73 -21.81 5.91
CA VAL B 25 13.33 -21.51 6.18
C VAL B 25 12.43 -22.61 5.66
N LEU B 26 12.80 -23.21 4.52
CA LEU B 26 11.97 -24.18 3.81
C LEU B 26 12.27 -25.64 4.18
N GLN B 27 13.19 -25.91 5.12
CA GLN B 27 13.64 -27.28 5.36
C GLN B 27 12.49 -28.19 5.76
N ASP B 28 11.60 -27.71 6.63
CA ASP B 28 10.41 -28.48 7.01
C ASP B 28 9.25 -27.57 6.72
N ALA B 29 8.86 -27.51 5.45
CA ALA B 29 7.81 -26.59 5.05
C ALA B 29 6.68 -27.33 4.36
N ARG B 30 5.48 -26.78 4.50
CA ARG B 30 4.37 -27.11 3.63
C ARG B 30 4.07 -25.90 2.76
N PHE B 31 3.55 -26.17 1.56
CA PHE B 31 3.37 -25.17 0.52
C PHE B 31 1.95 -25.24 -0.01
N PHE B 32 1.31 -24.07 -0.16
CA PHE B 32 -0.03 -23.99 -0.69
C PHE B 32 -0.11 -22.94 -1.77
N LEU B 33 -0.71 -23.30 -2.90
CA LEU B 33 -1.03 -22.33 -3.94
C LEU B 33 -2.21 -21.49 -3.53
N ILE B 34 -2.08 -20.17 -3.68
CA ILE B 34 -3.16 -19.23 -3.37
C ILE B 34 -3.54 -18.54 -4.68
N LYS B 35 -4.80 -18.64 -5.06
CA LYS B 35 -5.28 -18.08 -6.32
C LYS B 35 -6.24 -16.95 -5.99
N SER B 36 -5.96 -15.76 -6.52
CA SER B 36 -6.76 -14.57 -6.26
C SER B 36 -7.35 -14.07 -7.58
N ASN B 37 -8.57 -13.54 -7.53
CA ASN B 37 -9.18 -12.99 -8.74
C ASN B 37 -8.97 -11.48 -8.86
N ASN B 38 -8.21 -10.88 -7.97
CA ASN B 38 -8.13 -9.42 -7.90
C ASN B 38 -6.73 -9.02 -7.45
N HIS B 39 -5.96 -8.42 -8.37
CA HIS B 39 -4.64 -7.88 -8.03
C HIS B 39 -4.68 -6.96 -6.82
N GLU B 40 -5.81 -6.29 -6.59
CA GLU B 40 -5.88 -5.32 -5.49
C GLU B 40 -5.71 -5.99 -4.13
N ASN B 41 -6.29 -7.19 -3.97
CA ASN B 41 -6.19 -7.87 -2.70
C ASN B 41 -4.77 -8.39 -2.45
N VAL B 42 -4.07 -8.79 -3.51
CA VAL B 42 -2.68 -9.16 -3.37
C VAL B 42 -1.84 -7.95 -2.97
N SER B 43 -2.11 -6.79 -3.58
CA SER B 43 -1.38 -5.59 -3.20
CA SER B 43 -1.40 -5.57 -3.21
C SER B 43 -1.62 -5.24 -1.74
N LEU B 44 -2.86 -5.32 -1.30
CA LEU B 44 -3.19 -5.10 0.11
CA LEU B 44 -3.18 -5.09 0.11
C LEU B 44 -2.43 -6.08 1.00
N ALA B 45 -2.48 -7.36 0.64
CA ALA B 45 -1.83 -8.40 1.45
C ALA B 45 -0.33 -8.19 1.51
N LYS B 46 0.27 -7.75 0.40
CA LYS B 46 1.71 -7.53 0.37
C LYS B 46 2.11 -6.40 1.31
N ALA B 47 1.29 -5.35 1.39
CA ALA B 47 1.66 -4.19 2.19
C ALA B 47 1.42 -4.41 3.66
N LYS B 48 0.31 -5.07 4.01
CA LYS B 48 -0.13 -5.24 5.38
C LYS B 48 0.32 -6.55 6.00
N GLY B 49 0.76 -7.52 5.20
CA GLY B 49 1.21 -8.78 5.77
C GLY B 49 0.08 -9.62 6.33
N VAL B 50 -1.01 -9.75 5.58
CA VAL B 50 -2.20 -10.47 6.03
C VAL B 50 -2.79 -11.23 4.84
N TRP B 51 -3.52 -12.31 5.15
CA TRP B 51 -4.34 -12.99 4.17
C TRP B 51 -5.55 -13.58 4.87
N SER B 52 -6.62 -13.75 4.10
CA SER B 52 -7.85 -14.39 4.54
CA SER B 52 -7.84 -14.40 4.55
C SER B 52 -8.37 -15.25 3.41
N THR B 53 -8.96 -16.40 3.75
CA THR B 53 -9.42 -17.34 2.73
C THR B 53 -10.76 -17.94 3.17
N LEU B 54 -11.35 -18.73 2.28
CA LEU B 54 -12.63 -19.36 2.56
C LEU B 54 -12.45 -20.48 3.58
N PRO B 55 -13.55 -20.90 4.22
CA PRO B 55 -13.41 -21.82 5.37
C PRO B 55 -12.66 -23.11 5.09
N VAL B 56 -12.87 -23.76 3.94
CA VAL B 56 -12.21 -25.03 3.67
C VAL B 56 -10.70 -24.84 3.71
N ASN B 57 -10.20 -23.79 3.06
CA ASN B 57 -8.77 -23.55 3.04
C ASN B 57 -8.25 -23.02 4.36
N GLU B 58 -9.06 -22.24 5.08
CA GLU B 58 -8.62 -21.73 6.38
C GLU B 58 -8.30 -22.87 7.33
N LYS B 59 -9.16 -23.89 7.34
CA LYS B 59 -8.93 -25.06 8.19
C LYS B 59 -7.65 -25.78 7.79
N LYS B 60 -7.47 -25.99 6.47
CA LYS B 60 -6.27 -26.64 5.96
C LYS B 60 -5.01 -25.89 6.40
N LEU B 61 -5.03 -24.56 6.29
CA LEU B 61 -3.84 -23.78 6.64
C LEU B 61 -3.58 -23.80 8.15
N ASN B 62 -4.65 -23.79 8.95
CA ASN B 62 -4.46 -23.86 10.40
C ASN B 62 -3.86 -25.20 10.81
N LEU B 63 -4.38 -26.30 10.26
CA LEU B 63 -3.75 -27.60 10.52
C LEU B 63 -2.29 -27.60 10.06
N ALA B 64 -2.02 -27.02 8.89
CA ALA B 64 -0.64 -27.03 8.40
C ALA B 64 0.27 -26.26 9.33
N PHE B 65 -0.22 -25.13 9.87
CA PHE B 65 0.62 -24.28 10.72
C PHE B 65 1.13 -25.03 11.94
N ARG B 66 0.33 -25.93 12.49
CA ARG B 66 0.73 -26.72 13.64
C ARG B 66 1.52 -27.97 13.29
N SER B 67 1.61 -28.32 12.00
CA SER B 67 2.21 -29.57 11.58
C SER B 67 3.58 -29.40 10.94
N ALA B 68 4.02 -28.18 10.66
CA ALA B 68 5.28 -27.98 9.96
C ALA B 68 5.94 -26.72 10.48
N ARG B 69 7.27 -26.68 10.36
CA ARG B 69 8.00 -25.52 10.89
C ARG B 69 7.70 -24.26 10.10
N SER B 70 7.37 -24.39 8.81
CA SER B 70 7.02 -23.26 7.97
C SER B 70 5.86 -23.65 7.07
N VAL B 71 4.91 -22.73 6.91
CA VAL B 71 3.81 -22.90 5.96
C VAL B 71 3.90 -21.75 4.97
N ILE B 72 4.03 -22.09 3.70
CA ILE B 72 4.33 -21.13 2.65
C ILE B 72 3.11 -21.00 1.75
N LEU B 73 2.71 -19.75 1.50
CA LEU B 73 1.64 -19.44 0.55
C LEU B 73 2.30 -18.87 -0.69
N ILE B 74 2.04 -19.46 -1.85
CA ILE B 74 2.59 -19.00 -3.12
C ILE B 74 1.44 -18.43 -3.93
N PHE B 75 1.51 -17.14 -4.25
CA PHE B 75 0.36 -16.40 -4.76
C PHE B 75 0.38 -16.32 -6.29
N SER B 76 -0.80 -16.50 -6.89
CA SER B 76 -0.97 -16.28 -8.33
C SER B 76 -2.33 -15.65 -8.61
N VAL B 77 -2.34 -14.50 -9.26
CA VAL B 77 -3.57 -13.83 -9.68
C VAL B 77 -4.09 -14.53 -10.93
N ARG B 78 -5.36 -14.94 -10.90
CA ARG B 78 -5.92 -15.70 -12.02
C ARG B 78 -5.77 -14.92 -13.31
N GLU B 79 -5.42 -15.64 -14.37
CA GLU B 79 -5.23 -15.13 -15.73
C GLU B 79 -4.03 -14.20 -15.89
N SER B 80 -3.16 -14.07 -14.88
CA SER B 80 -2.00 -13.20 -15.00
C SER B 80 -0.81 -13.90 -15.63
N GLY B 81 -0.80 -15.23 -15.66
CA GLY B 81 0.32 -15.98 -16.18
C GLY B 81 1.56 -15.94 -15.31
N LYS B 82 1.44 -15.51 -14.06
CA LYS B 82 2.58 -15.35 -13.19
C LYS B 82 2.21 -15.70 -11.77
N PHE B 83 3.22 -16.01 -10.97
CA PHE B 83 3.12 -15.92 -9.53
C PHE B 83 3.56 -14.52 -9.11
N GLN B 84 2.93 -13.98 -8.07
CA GLN B 84 3.25 -12.64 -7.61
C GLN B 84 4.14 -12.60 -6.37
N GLY B 85 4.48 -13.75 -5.82
CA GLY B 85 5.36 -13.80 -4.66
C GLY B 85 4.97 -14.95 -3.76
N PHE B 86 5.66 -15.01 -2.62
CA PHE B 86 5.36 -16.02 -1.61
C PHE B 86 5.66 -15.51 -0.22
N ALA B 87 4.95 -16.09 0.76
CA ALA B 87 4.96 -15.61 2.13
C ALA B 87 4.84 -16.80 3.05
N ARG B 88 5.26 -16.60 4.30
CA ARG B 88 5.21 -17.61 5.35
C ARG B 88 4.21 -17.20 6.41
N LEU B 89 3.31 -18.12 6.78
CA LEU B 89 2.40 -17.86 7.89
C LEU B 89 3.17 -17.60 9.17
N SER B 90 2.85 -16.48 9.85
CA SER B 90 3.39 -16.27 11.19
C SER B 90 2.38 -16.57 12.29
N SER B 91 1.12 -16.85 11.92
CA SER B 91 0.07 -17.12 12.88
C SER B 91 -0.96 -18.03 12.23
N GLU B 92 -1.72 -18.73 13.07
CA GLU B 92 -3.00 -19.28 12.67
C GLU B 92 -3.97 -18.14 12.38
N SER B 93 -5.11 -18.47 11.78
CA SER B 93 -6.11 -17.46 11.53
C SER B 93 -6.71 -16.98 12.85
N HIS B 94 -7.07 -15.71 12.90
CA HIS B 94 -7.66 -15.14 14.10
C HIS B 94 -8.76 -14.16 13.73
N HIS B 95 -9.84 -14.19 14.51
CA HIS B 95 -10.95 -13.27 14.34
C HIS B 95 -10.86 -12.15 15.37
N GLY B 96 -11.62 -11.08 15.11
CA GLY B 96 -11.76 -10.00 16.06
C GLY B 96 -10.62 -9.01 16.10
N GLY B 97 -9.62 -9.16 15.24
CA GLY B 97 -8.52 -8.22 15.18
C GLY B 97 -8.89 -6.99 14.37
N SER B 98 -7.85 -6.26 13.97
CA SER B 98 -8.05 -5.10 13.11
C SER B 98 -8.74 -5.55 11.83
N PRO B 99 -9.85 -4.93 11.44
CA PRO B 99 -10.52 -5.34 10.20
C PRO B 99 -9.66 -5.02 8.98
N ILE B 100 -9.59 -5.98 8.06
CA ILE B 100 -8.93 -5.78 6.79
C ILE B 100 -10.00 -5.51 5.75
N HIS B 101 -9.87 -4.40 5.03
CA HIS B 101 -10.89 -3.98 4.09
C HIS B 101 -10.55 -4.47 2.68
N TRP B 102 -10.71 -5.78 2.51
CA TRP B 102 -10.54 -6.40 1.21
C TRP B 102 -11.53 -5.83 0.20
N VAL B 103 -11.16 -5.90 -1.07
CA VAL B 103 -12.13 -5.73 -2.15
C VAL B 103 -12.90 -7.04 -2.23
N LEU B 104 -14.12 -7.04 -1.70
CA LEU B 104 -14.92 -8.26 -1.65
C LEU B 104 -15.54 -8.54 -3.01
N PRO B 105 -15.52 -9.79 -3.46
CA PRO B 105 -16.07 -10.11 -4.79
C PRO B 105 -17.58 -10.07 -4.78
N ALA B 106 -18.14 -10.25 -5.99
CA ALA B 106 -19.58 -10.15 -6.18
C ALA B 106 -20.31 -11.19 -5.35
N GLY B 107 -21.43 -10.77 -4.74
CA GLY B 107 -22.22 -11.67 -3.93
C GLY B 107 -21.58 -12.04 -2.61
N MET B 108 -20.48 -11.39 -2.23
CA MET B 108 -19.77 -11.72 -1.02
C MET B 108 -19.85 -10.57 -0.02
N SER B 109 -19.72 -10.92 1.25
CA SER B 109 -19.68 -10.00 2.36
C SER B 109 -18.60 -10.48 3.31
N ALA B 110 -18.03 -9.55 4.08
CA ALA B 110 -16.90 -9.91 4.95
C ALA B 110 -17.23 -11.04 5.91
N LYS B 111 -18.51 -11.24 6.22
CA LYS B 111 -18.90 -12.29 7.16
C LYS B 111 -18.58 -13.68 6.64
N MET B 112 -18.56 -13.87 5.31
CA MET B 112 -18.25 -15.18 4.75
C MET B 112 -16.77 -15.53 4.88
N LEU B 113 -15.90 -14.54 5.04
CA LEU B 113 -14.47 -14.78 5.13
C LEU B 113 -14.08 -15.11 6.56
N GLY B 114 -13.23 -16.12 6.71
CA GLY B 114 -12.78 -16.54 8.02
C GLY B 114 -11.85 -15.56 8.69
N GLY B 115 -10.96 -16.08 9.53
CA GLY B 115 -10.05 -15.22 10.26
C GLY B 115 -8.96 -14.65 9.36
N VAL B 116 -8.11 -13.85 9.98
CA VAL B 116 -6.97 -13.25 9.31
C VAL B 116 -5.71 -14.01 9.72
N PHE B 117 -4.93 -14.43 8.71
CA PHE B 117 -3.60 -14.98 8.94
C PHE B 117 -2.61 -13.84 8.85
N LYS B 118 -1.71 -13.74 9.83
CA LYS B 118 -0.56 -12.86 9.66
C LYS B 118 0.47 -13.61 8.84
N ILE B 119 1.07 -12.92 7.86
CA ILE B 119 2.08 -13.53 6.99
C ILE B 119 3.28 -12.59 6.86
N ASP B 120 4.45 -13.20 6.72
CA ASP B 120 5.69 -12.49 6.43
C ASP B 120 6.09 -12.82 5.00
N TRP B 121 6.11 -11.80 4.14
CA TRP B 121 6.50 -12.02 2.76
C TRP B 121 7.99 -12.34 2.68
N ILE B 122 8.31 -13.34 1.86
CA ILE B 122 9.68 -13.71 1.59
C ILE B 122 10.12 -13.20 0.23
N CYS B 123 9.19 -13.09 -0.72
CA CYS B 123 9.43 -12.50 -2.03
C CYS B 123 8.15 -11.85 -2.50
N ARG B 124 8.25 -10.58 -2.88
CA ARG B 124 7.10 -9.90 -3.46
C ARG B 124 7.26 -9.63 -4.95
N ARG B 125 8.27 -10.21 -5.57
CA ARG B 125 8.52 -10.06 -6.99
C ARG B 125 7.87 -11.19 -7.78
N GLU B 126 7.59 -10.91 -9.04
CA GLU B 126 6.87 -11.84 -9.89
C GLU B 126 7.78 -12.95 -10.41
N LEU B 127 7.16 -14.09 -10.66
CA LEU B 127 7.81 -15.20 -11.36
C LEU B 127 6.86 -15.63 -12.47
N PRO B 128 7.20 -15.43 -13.74
CA PRO B 128 6.33 -15.88 -14.81
C PRO B 128 6.30 -17.41 -14.89
N PHE B 129 5.14 -17.92 -15.30
CA PHE B 129 4.95 -19.36 -15.43
C PHE B 129 5.97 -19.97 -16.38
N THR B 130 6.49 -19.17 -17.32
CA THR B 130 7.52 -19.64 -18.25
C THR B 130 8.82 -20.05 -17.54
N LYS B 131 9.04 -19.61 -16.30
CA LYS B 131 10.23 -20.03 -15.57
C LYS B 131 9.99 -21.24 -14.68
N SER B 132 8.74 -21.67 -14.53
CA SER B 132 8.42 -22.83 -13.69
C SER B 132 7.87 -24.00 -14.49
N ALA B 133 8.03 -23.96 -15.82
CA ALA B 133 7.41 -24.94 -16.70
C ALA B 133 7.98 -26.34 -16.55
N HIS B 134 9.18 -26.48 -15.98
CA HIS B 134 9.79 -27.79 -15.75
C HIS B 134 9.35 -28.43 -14.43
N LEU B 135 8.58 -27.72 -13.60
CA LEU B 135 8.21 -28.23 -12.28
C LEU B 135 6.80 -28.78 -12.30
N THR B 136 6.64 -30.01 -11.83
CA THR B 136 5.35 -30.66 -11.74
C THR B 136 5.10 -31.06 -10.29
N ASN B 137 3.84 -30.99 -9.87
CA ASN B 137 3.47 -31.23 -8.47
C ASN B 137 2.96 -32.66 -8.33
N PRO B 138 3.69 -33.56 -7.67
CA PRO B 138 3.19 -34.93 -7.47
C PRO B 138 1.81 -35.00 -6.81
N TRP B 139 1.48 -34.05 -5.95
CA TRP B 139 0.22 -34.07 -5.21
C TRP B 139 -0.92 -33.43 -5.99
N ASN B 140 -0.68 -33.05 -7.24
CA ASN B 140 -1.72 -32.67 -8.19
C ASN B 140 -1.54 -33.44 -9.49
N GLU B 141 -1.39 -34.76 -9.38
CA GLU B 141 -1.33 -35.67 -10.51
C GLU B 141 -0.14 -35.39 -11.43
N HIS B 142 0.94 -34.82 -10.87
CA HIS B 142 2.16 -34.51 -11.63
C HIS B 142 1.90 -33.51 -12.76
N LYS B 143 0.90 -32.65 -12.58
CA LYS B 143 0.66 -31.54 -13.49
C LYS B 143 1.61 -30.39 -13.18
N PRO B 144 1.90 -29.55 -14.18
CA PRO B 144 2.76 -28.38 -13.94
C PRO B 144 2.29 -27.60 -12.71
N VAL B 145 3.25 -27.09 -11.96
CA VAL B 145 2.95 -26.51 -10.65
C VAL B 145 2.04 -25.30 -10.73
N LYS B 146 2.04 -24.60 -11.87
CA LYS B 146 1.14 -23.47 -12.06
C LYS B 146 -0.32 -23.88 -12.04
N ILE B 147 -0.63 -25.15 -12.27
CA ILE B 147 -2.01 -25.62 -12.34
C ILE B 147 -2.47 -25.98 -10.94
N GLY B 148 -3.61 -25.44 -10.55
CA GLY B 148 -4.24 -25.86 -9.32
C GLY B 148 -5.27 -24.86 -8.85
N ARG B 149 -6.20 -25.36 -8.06
CA ARG B 149 -7.22 -24.54 -7.44
C ARG B 149 -6.63 -23.77 -6.27
N ASP B 150 -7.33 -22.72 -5.85
CA ASP B 150 -6.94 -22.01 -4.64
C ASP B 150 -6.84 -23.00 -3.49
N GLY B 151 -5.69 -23.00 -2.81
CA GLY B 151 -5.47 -23.89 -1.70
C GLY B 151 -4.79 -25.21 -2.04
N GLN B 152 -4.50 -25.47 -3.31
CA GLN B 152 -3.86 -26.72 -3.70
C GLN B 152 -2.52 -26.87 -2.98
N GLU B 153 -2.33 -27.97 -2.27
CA GLU B 153 -1.05 -28.18 -1.60
C GLU B 153 0.00 -28.66 -2.60
N ILE B 154 1.22 -28.14 -2.43
CA ILE B 154 2.36 -28.49 -3.29
C ILE B 154 3.35 -29.32 -2.49
N GLU B 155 3.76 -30.45 -3.06
CA GLU B 155 4.69 -31.36 -2.39
C GLU B 155 6.02 -30.67 -2.11
N LEU B 156 6.69 -31.13 -1.04
CA LEU B 156 7.85 -30.46 -0.46
C LEU B 156 8.92 -30.08 -1.48
N GLU B 157 9.41 -31.06 -2.24
CA GLU B 157 10.52 -30.75 -3.13
C GLU B 157 10.09 -29.82 -4.25
N CYS B 158 8.89 -30.03 -4.80
CA CYS B 158 8.42 -29.15 -5.86
C CYS B 158 8.23 -27.73 -5.33
N GLY B 159 7.63 -27.60 -4.14
CA GLY B 159 7.44 -26.28 -3.55
C GLY B 159 8.76 -25.59 -3.27
N THR B 160 9.75 -26.35 -2.78
CA THR B 160 11.06 -25.78 -2.49
C THR B 160 11.72 -25.26 -3.76
N GLN B 161 11.75 -26.08 -4.82
CA GLN B 161 12.36 -25.63 -6.06
C GLN B 161 11.59 -24.45 -6.65
N LEU B 162 10.27 -24.44 -6.54
CA LEU B 162 9.51 -23.29 -7.04
C LEU B 162 9.91 -22.01 -6.32
N CYS B 163 9.99 -22.07 -4.99
CA CYS B 163 10.37 -20.88 -4.22
C CYS B 163 11.77 -20.42 -4.58
N LEU B 164 12.67 -21.36 -4.89
CA LEU B 164 14.06 -21.00 -5.21
C LEU B 164 14.17 -20.34 -6.57
N LEU B 165 13.14 -20.46 -7.41
CA LEU B 165 13.15 -19.82 -8.73
C LEU B 165 12.97 -18.31 -8.62
N PHE B 166 12.33 -17.82 -7.56
CA PHE B 166 11.99 -16.40 -7.49
C PHE B 166 13.27 -15.58 -7.38
N PRO B 167 13.30 -14.37 -7.91
CA PRO B 167 14.51 -13.54 -7.81
C PRO B 167 14.64 -12.97 -6.41
N PRO B 168 15.82 -12.54 -6.00
CA PRO B 168 15.97 -11.94 -4.67
C PRO B 168 15.17 -10.65 -4.56
N ASP B 169 14.60 -10.42 -3.38
CA ASP B 169 13.79 -9.24 -3.13
C ASP B 169 14.54 -8.35 -2.15
N GLU B 170 15.04 -7.22 -2.64
CA GLU B 170 15.83 -6.31 -1.82
C GLU B 170 15.00 -5.56 -0.79
N SER B 171 13.66 -5.63 -0.88
CA SER B 171 12.82 -5.03 0.12
C SER B 171 12.60 -5.92 1.33
N ILE B 172 13.05 -7.17 1.25
CA ILE B 172 12.76 -8.20 2.27
C ILE B 172 14.02 -8.52 3.04
N ASP B 173 13.88 -8.64 4.37
CA ASP B 173 14.93 -9.10 5.26
C ASP B 173 14.44 -10.38 5.92
N LEU B 174 15.09 -11.51 5.62
CA LEU B 174 14.68 -12.80 6.18
C LEU B 174 14.94 -12.91 7.68
N TYR B 175 15.60 -11.92 8.28
CA TYR B 175 16.01 -12.00 9.68
C TYR B 175 14.81 -12.28 10.60
N GLN B 176 13.72 -11.53 10.41
CA GLN B 176 12.56 -11.69 11.29
C GLN B 176 11.96 -13.09 11.19
N VAL B 177 11.83 -13.62 9.97
CA VAL B 177 11.29 -14.97 9.81
C VAL B 177 12.17 -15.97 10.52
N ILE B 178 13.49 -15.88 10.32
CA ILE B 178 14.39 -16.86 10.92
C ILE B 178 14.29 -16.81 12.44
N HIS B 179 14.11 -15.61 13.00
CA HIS B 179 14.05 -15.46 14.44
C HIS B 179 12.79 -16.07 15.04
N LYS B 180 11.67 -16.01 14.33
CA LYS B 180 10.41 -16.54 14.87
C LYS B 180 10.17 -18.00 14.54
N MET B 181 11.15 -18.71 14.01
CA MET B 181 10.98 -20.13 13.73
C MET B 181 11.31 -20.98 14.95
S SO4 C . 1.48 18.06 21.19
O1 SO4 C . 2.89 18.38 21.01
O2 SO4 C . 1.36 16.63 21.43
O3 SO4 C . 0.87 18.80 22.30
O4 SO4 C . 0.80 18.38 19.93
S SO4 D . -10.52 9.86 -6.78
O1 SO4 D . -9.47 10.85 -6.56
O2 SO4 D . -10.48 8.89 -5.69
O3 SO4 D . -10.32 9.19 -8.06
O4 SO4 D . -11.83 10.51 -6.75
S SO4 E . -13.38 34.42 -6.90
O1 SO4 E . -13.38 34.49 -5.44
O2 SO4 E . -13.46 33.02 -7.33
O3 SO4 E . -12.13 34.98 -7.40
O4 SO4 E . -14.52 35.16 -7.41
S SO4 F . 1.54 23.79 -10.61
O1 SO4 F . 2.50 22.78 -10.16
O2 SO4 F . 1.54 24.93 -9.70
O3 SO4 F . 0.20 23.19 -10.64
O4 SO4 F . 1.89 24.24 -11.96
S SO4 G . -13.00 30.99 1.72
O1 SO4 G . -12.34 30.86 0.43
O2 SO4 G . -12.41 30.04 2.66
O3 SO4 G . -12.81 32.36 2.21
O4 SO4 G . -14.43 30.70 1.59
C15 P0Z H . -12.62 -13.13 -1.10
C17 P0Z H . -14.65 -13.05 0.52
C20 P0Z H . -15.91 -15.12 -0.89
C21 P0Z H . -14.66 -14.63 -1.30
C01 P0Z H . -8.89 -11.79 -0.45
C02 P0Z H . -10.22 -12.28 0.19
C03 P0Z H . -10.11 -12.19 1.73
C14 P0Z H . -11.30 -13.91 -1.15
C16 P0Z H . -14.02 -13.62 -0.59
C18 P0Z H . -15.91 -13.53 0.93
C19 P0Z H . -16.53 -14.56 0.22
C23 P0Z H . -11.41 -11.38 -0.23
N04 P0Z H . -10.42 -13.64 -0.10
O22 P0Z H . -12.61 -12.07 -0.19
S SO4 I . 8.81 -7.22 -9.85
O1 SO4 I . 10.09 -7.91 -9.95
O2 SO4 I . 8.74 -6.47 -8.61
O3 SO4 I . 7.72 -8.21 -9.85
O4 SO4 I . 8.64 -6.34 -10.99
S SO4 J . -9.79 -17.14 16.90
O1 SO4 J . -10.65 -18.18 17.44
O2 SO4 J . -8.79 -16.74 17.90
O3 SO4 J . -10.58 -15.97 16.54
O4 SO4 J . -9.12 -17.66 15.72
S SO4 K . -11.01 -21.65 -6.99
O1 SO4 K . -9.67 -21.76 -7.57
O2 SO4 K . -11.47 -22.96 -6.55
O3 SO4 K . -11.94 -21.12 -7.98
O4 SO4 K . -10.96 -20.75 -5.84
S SO4 L . -9.94 -12.62 -4.27
O1 SO4 L . -9.11 -13.31 -3.28
O2 SO4 L . -10.24 -13.54 -5.36
O3 SO4 L . -9.18 -11.48 -4.79
O4 SO4 L . -11.18 -12.12 -3.68
S SO4 M . -9.85 -24.91 13.33
O1 SO4 M . -8.77 -25.89 13.54
O2 SO4 M . -9.82 -23.93 14.42
O3 SO4 M . -11.16 -25.58 13.35
O4 SO4 M . -9.63 -24.24 12.05
#